data_8OZB
#
_entry.id   8OZB
#
_cell.length_a   49.120
_cell.length_b   77.220
_cell.length_c   127.470
_cell.angle_alpha   90.00
_cell.angle_beta   90.00
_cell.angle_gamma   90.00
#
_symmetry.space_group_name_H-M   'P 2 2 21'
#
loop_
_entity.id
_entity.type
_entity.pdbx_description
1 polymer 'Nup35 nanobody'
2 polymer 'Nup35 nanobody'
3 polymer 'Nucleoporin NUP35'
4 water water
#
loop_
_entity_poly.entity_id
_entity_poly.type
_entity_poly.pdbx_seq_one_letter_code
_entity_poly.pdbx_strand_id
1 'polypeptide(L)'
;QLVESGGGLVQAGGSLRLSCVGTGNISSAYTMAWYRQAAGKEREVVAGILNGGSTHYADSVKGRFTISRDNAKNTVYLQM
NSLQPEDTGVYCCHVVIESTRFVYDHYWGQGTRVTV
;
A
2 'polypeptide(L)'
;QLVESGGGLVQAGGSLRLSCVGTGNISSAYTMAWYRQAAGKEREVVAGILNGGSTHYADSVKGRFTISRDNAKNTVYLQM
NSLQPEDTGVYCCHVVIESTRFVYDHYWGQGTRVTVS
;
C
3 'polypeptide(L)' DSWVTVFGFPQASASYILLQFAQYGNILKHVMSNTGNWMHIRYQSKLQARKALSKDGRIFGESIMIGVKPCIDKSV E,F
#
# COMPACT_ATOMS: atom_id res chain seq x y z
N GLN A 1 26.31 -20.50 5.24
CA GLN A 1 26.90 -19.99 3.99
C GLN A 1 26.37 -20.78 2.81
N LEU A 2 26.34 -20.15 1.65
CA LEU A 2 25.77 -20.68 0.38
C LEU A 2 26.91 -20.75 -0.61
N VAL A 3 27.10 -21.87 -1.29
CA VAL A 3 28.16 -21.95 -2.34
C VAL A 3 27.52 -22.46 -3.64
N GLU A 4 27.47 -21.61 -4.66
CA GLU A 4 26.89 -21.96 -5.97
C GLU A 4 27.92 -22.70 -6.82
N SER A 5 27.45 -23.52 -7.75
CA SER A 5 28.28 -24.16 -8.80
C SER A 5 27.42 -24.52 -10.01
N GLY A 6 28.09 -24.93 -11.08
CA GLY A 6 27.42 -25.51 -12.27
C GLY A 6 27.51 -24.57 -13.45
N GLY A 7 28.11 -23.39 -13.27
CA GLY A 7 28.22 -22.34 -14.31
C GLY A 7 29.04 -22.77 -15.51
N GLY A 8 29.60 -21.80 -16.25
CA GLY A 8 30.55 -22.04 -17.35
C GLY A 8 30.02 -21.64 -18.72
N LEU A 9 30.56 -22.30 -19.76
CA LEU A 9 30.19 -22.11 -21.20
C LEU A 9 29.23 -23.23 -21.62
N VAL A 10 28.06 -22.83 -22.09
CA VAL A 10 27.16 -23.69 -22.91
C VAL A 10 27.06 -22.97 -24.25
N GLN A 11 26.59 -23.70 -25.26
CA GLN A 11 26.25 -23.10 -26.56
C GLN A 11 24.80 -22.66 -26.48
N ALA A 12 24.46 -21.57 -27.16
CA ALA A 12 23.07 -21.19 -27.45
C ALA A 12 22.28 -22.45 -27.83
N GLY A 13 21.13 -22.67 -27.20
CA GLY A 13 20.23 -23.82 -27.44
C GLY A 13 20.28 -24.83 -26.30
N GLY A 14 21.35 -24.85 -25.49
CA GLY A 14 21.63 -25.94 -24.53
C GLY A 14 20.93 -25.77 -23.18
N SER A 15 21.09 -26.79 -22.34
CA SER A 15 20.53 -26.91 -20.97
C SER A 15 21.66 -26.84 -19.94
N LEU A 16 21.34 -26.54 -18.70
CA LEU A 16 22.36 -26.33 -17.62
C LEU A 16 21.62 -26.27 -16.29
N ARG A 17 22.12 -26.96 -15.28
CA ARG A 17 21.53 -26.94 -13.92
C ARG A 17 22.53 -26.31 -12.97
N LEU A 18 22.17 -25.15 -12.40
CA LEU A 18 22.95 -24.52 -11.30
C LEU A 18 22.54 -25.16 -9.96
N SER A 19 23.49 -25.19 -9.04
CA SER A 19 23.39 -25.77 -7.69
C SER A 19 23.82 -24.69 -6.70
N CYS A 20 23.20 -24.72 -5.55
CA CYS A 20 23.64 -23.93 -4.40
C CYS A 20 23.41 -24.79 -3.15
N VAL A 21 24.47 -25.03 -2.41
CA VAL A 21 24.39 -25.89 -1.20
C VAL A 21 24.63 -24.97 0.01
N GLY A 22 23.83 -25.14 1.07
CA GLY A 22 23.99 -24.45 2.37
C GLY A 22 24.84 -25.23 3.37
N THR A 23 25.70 -24.55 4.12
CA THR A 23 26.51 -25.15 5.21
C THR A 23 25.62 -25.47 6.42
N GLY A 24 24.65 -24.62 6.76
CA GLY A 24 23.61 -24.92 7.78
C GLY A 24 22.29 -25.28 7.11
N ASN A 25 21.31 -25.70 7.91
CA ASN A 25 20.01 -26.20 7.40
C ASN A 25 19.24 -25.03 6.81
N ILE A 26 18.69 -25.20 5.61
CA ILE A 26 17.92 -24.14 4.92
C ILE A 26 16.50 -24.66 4.67
N SER A 27 16.09 -25.70 5.40
CA SER A 27 14.77 -26.36 5.17
C SER A 27 13.61 -25.47 5.60
N SER A 28 13.83 -24.54 6.55
CA SER A 28 12.78 -23.61 7.02
C SER A 28 12.79 -22.27 6.28
N ALA A 29 13.52 -22.16 5.17
CA ALA A 29 13.63 -20.92 4.36
C ALA A 29 12.24 -20.30 4.18
N TYR A 30 12.11 -19.00 4.49
CA TYR A 30 10.99 -18.11 4.09
C TYR A 30 10.94 -18.03 2.56
N THR A 31 12.06 -17.68 1.93
CA THR A 31 12.21 -17.64 0.46
C THR A 31 13.58 -18.16 0.01
N MET A 32 13.62 -18.60 -1.25
CA MET A 32 14.82 -19.02 -2.00
C MET A 32 14.71 -18.44 -3.41
N ALA A 33 15.78 -17.86 -3.95
CA ALA A 33 15.68 -17.15 -5.24
C ALA A 33 17.03 -17.16 -5.96
N TRP A 34 16.98 -17.06 -7.26
CA TRP A 34 18.19 -16.92 -8.11
C TRP A 34 18.04 -15.60 -8.83
N TYR A 35 19.16 -14.87 -8.88
CA TYR A 35 19.33 -13.52 -9.47
C TYR A 35 20.39 -13.66 -10.55
N ARG A 36 20.38 -12.80 -11.57
CA ARG A 36 21.51 -12.72 -12.51
C ARG A 36 21.82 -11.26 -12.79
N GLN A 37 23.09 -10.97 -13.03
CA GLN A 37 23.55 -9.64 -13.50
C GLN A 37 24.51 -9.85 -14.68
N ALA A 38 24.09 -9.39 -15.86
CA ALA A 38 24.96 -9.28 -17.05
C ALA A 38 25.73 -7.96 -16.93
N ALA A 39 26.97 -7.96 -17.43
CA ALA A 39 27.95 -6.84 -17.33
C ALA A 39 27.31 -5.56 -17.86
N GLY A 40 27.37 -4.46 -17.10
CA GLY A 40 26.72 -3.17 -17.44
C GLY A 40 25.20 -3.28 -17.57
N LYS A 41 24.56 -3.96 -16.63
CA LYS A 41 23.09 -4.15 -16.59
C LYS A 41 22.67 -4.26 -15.13
N GLU A 42 21.40 -3.97 -14.83
CA GLU A 42 20.89 -4.08 -13.44
C GLU A 42 20.64 -5.57 -13.14
N ARG A 43 20.92 -5.97 -11.92
CA ARG A 43 20.54 -7.29 -11.39
C ARG A 43 19.03 -7.47 -11.55
N GLU A 44 18.62 -8.70 -11.81
CA GLU A 44 17.20 -9.07 -11.98
C GLU A 44 16.97 -10.44 -11.32
N VAL A 45 15.85 -10.58 -10.62
CA VAL A 45 15.40 -11.88 -10.05
C VAL A 45 14.98 -12.71 -11.25
N VAL A 46 15.43 -13.95 -11.31
CA VAL A 46 15.11 -14.81 -12.49
C VAL A 46 14.08 -15.85 -12.02
N ALA A 47 14.18 -16.31 -10.77
CA ALA A 47 13.31 -17.38 -10.24
C ALA A 47 13.28 -17.32 -8.72
N GLY A 48 12.10 -17.44 -8.14
CA GLY A 48 11.88 -17.37 -6.68
C GLY A 48 10.90 -18.43 -6.22
N ILE A 49 11.23 -19.13 -5.15
CA ILE A 49 10.22 -19.86 -4.34
C ILE A 49 9.73 -18.86 -3.28
N LEU A 50 8.52 -18.34 -3.46
CA LEU A 50 7.84 -17.44 -2.52
C LEU A 50 7.39 -18.23 -1.30
N ASN A 51 7.11 -17.49 -0.24
CA ASN A 51 6.69 -18.07 1.05
C ASN A 51 5.38 -18.82 0.83
N GLY A 52 5.28 -20.08 1.28
CA GLY A 52 4.15 -20.99 1.01
C GLY A 52 4.42 -21.89 -0.18
N GLY A 53 5.42 -21.60 -1.02
CA GLY A 53 5.91 -22.54 -2.06
C GLY A 53 5.44 -22.25 -3.47
N SER A 54 4.71 -21.16 -3.69
CA SER A 54 4.44 -20.61 -5.04
C SER A 54 5.75 -20.15 -5.66
N THR A 55 5.76 -19.98 -7.00
CA THR A 55 6.98 -19.52 -7.73
C THR A 55 6.71 -18.24 -8.51
N HIS A 56 7.77 -17.46 -8.68
CA HIS A 56 7.84 -16.29 -9.59
C HIS A 56 9.05 -16.50 -10.50
N TYR A 57 8.88 -16.21 -11.78
CA TYR A 57 9.90 -16.26 -12.85
C TYR A 57 9.90 -14.90 -13.55
N ALA A 58 11.09 -14.37 -13.88
CA ALA A 58 11.22 -13.31 -14.91
C ALA A 58 10.44 -13.74 -16.16
N ASP A 59 9.74 -12.81 -16.81
CA ASP A 59 8.97 -13.09 -18.05
C ASP A 59 9.87 -13.76 -19.10
N SER A 60 11.13 -13.33 -19.21
CA SER A 60 12.09 -13.81 -20.24
C SER A 60 12.43 -15.28 -20.00
N VAL A 61 12.17 -15.88 -18.84
CA VAL A 61 12.64 -17.27 -18.60
C VAL A 61 11.46 -18.18 -18.31
N LYS A 62 10.25 -17.64 -18.28
CA LYS A 62 9.01 -18.42 -18.09
C LYS A 62 9.00 -19.60 -19.06
N GLY A 63 8.88 -20.81 -18.55
CA GLY A 63 8.71 -22.01 -19.37
C GLY A 63 10.04 -22.60 -19.78
N ARG A 64 11.15 -21.90 -19.53
CA ARG A 64 12.52 -22.36 -19.88
C ARG A 64 13.30 -22.78 -18.62
N PHE A 65 13.04 -22.12 -17.48
CA PHE A 65 13.80 -22.24 -16.20
C PHE A 65 12.90 -22.78 -15.08
N THR A 66 13.44 -23.62 -14.19
CA THR A 66 12.75 -24.08 -12.98
C THR A 66 13.64 -23.95 -11.77
N ILE A 67 13.08 -23.44 -10.69
CA ILE A 67 13.75 -23.39 -9.36
C ILE A 67 13.17 -24.55 -8.55
N SER A 68 14.05 -25.34 -7.96
CA SER A 68 13.66 -26.48 -7.10
C SER A 68 14.61 -26.53 -5.91
N ARG A 69 14.37 -27.43 -4.98
CA ARG A 69 15.26 -27.60 -3.81
C ARG A 69 15.29 -29.09 -3.44
N ASP A 70 16.38 -29.54 -2.83
CA ASP A 70 16.42 -30.83 -2.11
C ASP A 70 16.66 -30.53 -0.62
N ASN A 71 15.66 -30.76 0.23
CA ASN A 71 15.79 -30.56 1.70
C ASN A 71 16.90 -31.48 2.22
N ALA A 72 16.85 -32.77 1.90
CA ALA A 72 17.86 -33.78 2.32
C ALA A 72 19.28 -33.31 2.00
N LYS A 73 19.55 -32.74 0.82
CA LYS A 73 20.90 -32.29 0.41
C LYS A 73 21.16 -30.83 0.81
N ASN A 74 20.17 -30.13 1.36
CA ASN A 74 20.39 -28.70 1.69
C ASN A 74 20.78 -27.88 0.44
N THR A 75 20.19 -28.18 -0.72
CA THR A 75 20.58 -27.55 -2.00
C THR A 75 19.39 -26.89 -2.69
N VAL A 76 19.67 -25.76 -3.33
CA VAL A 76 18.72 -25.10 -4.26
C VAL A 76 19.24 -25.30 -5.68
N TYR A 77 18.34 -25.49 -6.65
CA TYR A 77 18.69 -25.67 -8.08
C TYR A 77 17.99 -24.64 -8.97
N LEU A 78 18.69 -24.19 -10.01
CA LEU A 78 18.10 -23.53 -11.20
C LEU A 78 18.36 -24.38 -12.46
N GLN A 79 17.34 -25.10 -12.91
CA GLN A 79 17.28 -25.77 -14.23
C GLN A 79 17.08 -24.71 -15.30
N MET A 80 18.01 -24.58 -16.25
CA MET A 80 17.89 -23.67 -17.41
C MET A 80 17.79 -24.52 -18.68
N ASN A 81 16.91 -24.15 -19.60
CA ASN A 81 16.73 -24.81 -20.92
C ASN A 81 16.72 -23.75 -22.01
N SER A 82 16.96 -24.17 -23.26
CA SER A 82 16.87 -23.35 -24.50
C SER A 82 17.63 -22.06 -24.26
N LEU A 83 18.85 -22.18 -23.74
CA LEU A 83 19.69 -21.04 -23.31
C LEU A 83 19.97 -20.15 -24.50
N GLN A 84 19.88 -18.84 -24.26
CA GLN A 84 20.10 -17.78 -25.25
C GLN A 84 21.27 -16.93 -24.75
N PRO A 85 22.01 -16.29 -25.66
CA PRO A 85 23.07 -15.36 -25.27
C PRO A 85 22.62 -14.32 -24.23
N GLU A 86 21.34 -13.96 -24.21
CA GLU A 86 20.81 -12.93 -23.26
C GLU A 86 20.79 -13.50 -21.84
N ASP A 87 20.88 -14.84 -21.66
CA ASP A 87 20.89 -15.50 -20.32
C ASP A 87 22.30 -15.39 -19.69
N THR A 88 23.23 -14.77 -20.40
CA THR A 88 24.65 -14.63 -19.99
C THR A 88 24.76 -13.70 -18.78
N GLY A 89 25.47 -14.12 -17.74
CA GLY A 89 25.75 -13.27 -16.59
C GLY A 89 26.19 -14.08 -15.38
N VAL A 90 26.44 -13.36 -14.28
CA VAL A 90 26.74 -13.96 -12.95
C VAL A 90 25.38 -14.27 -12.30
N TYR A 91 25.13 -15.54 -11.97
CA TYR A 91 23.91 -16.00 -11.26
C TYR A 91 24.29 -16.14 -9.78
N CYS A 92 23.39 -15.77 -8.88
CA CYS A 92 23.62 -15.97 -7.44
C CYS A 92 22.31 -16.41 -6.78
N CYS A 93 22.42 -17.18 -5.73
CA CYS A 93 21.32 -17.77 -4.98
C CYS A 93 21.18 -16.97 -3.69
N HIS A 94 19.95 -16.88 -3.16
CA HIS A 94 19.51 -16.00 -2.07
C HIS A 94 18.60 -16.82 -1.17
N VAL A 95 18.92 -16.95 0.11
CA VAL A 95 18.05 -17.71 1.04
C VAL A 95 17.79 -16.80 2.23
N VAL A 96 16.51 -16.69 2.58
CA VAL A 96 16.00 -15.89 3.73
C VAL A 96 15.43 -16.83 4.79
N ILE A 97 15.83 -16.61 6.04
CA ILE A 97 15.48 -17.49 7.20
C ILE A 97 15.05 -16.60 8.37
N GLU A 98 13.86 -16.90 8.90
CA GLU A 98 13.32 -16.24 10.11
C GLU A 98 14.11 -16.71 11.34
N SER A 99 14.78 -15.80 12.02
CA SER A 99 15.39 -16.04 13.35
C SER A 99 14.28 -15.89 14.39
N THR A 100 14.06 -14.67 14.86
CA THR A 100 12.97 -14.33 15.81
C THR A 100 11.76 -13.84 15.01
N ARG A 101 10.58 -13.84 15.62
CA ARG A 101 9.31 -13.51 14.92
C ARG A 101 9.51 -12.17 14.24
N PHE A 102 9.23 -12.10 12.94
CA PHE A 102 9.17 -10.85 12.12
C PHE A 102 10.58 -10.40 11.71
N VAL A 103 11.64 -11.06 12.19
CA VAL A 103 13.07 -10.76 11.88
C VAL A 103 13.62 -11.89 11.02
N TYR A 104 14.15 -11.56 9.83
CA TYR A 104 14.57 -12.52 8.77
C TYR A 104 16.02 -12.22 8.40
N ASP A 105 16.91 -13.22 8.40
CA ASP A 105 18.33 -13.04 7.98
C ASP A 105 18.43 -13.45 6.53
N HIS A 106 19.27 -12.78 5.79
CA HIS A 106 19.45 -13.04 4.34
C HIS A 106 20.84 -13.65 4.10
N TYR A 107 20.91 -14.66 3.23
CA TYR A 107 22.15 -15.37 2.88
C TYR A 107 22.30 -15.31 1.37
N TRP A 108 23.50 -14.91 0.91
CA TRP A 108 23.85 -14.75 -0.53
C TRP A 108 25.08 -15.61 -0.88
N GLY A 109 25.04 -16.36 -1.98
CA GLY A 109 26.26 -16.99 -2.55
C GLY A 109 27.17 -15.96 -3.20
N GLN A 110 28.33 -16.43 -3.68
CA GLN A 110 29.43 -15.63 -4.31
C GLN A 110 29.03 -15.39 -5.77
N GLY A 111 28.20 -16.26 -6.32
CA GLY A 111 27.78 -16.16 -7.73
C GLY A 111 28.49 -17.21 -8.56
N THR A 112 27.92 -17.55 -9.70
CA THR A 112 28.50 -18.49 -10.70
C THR A 112 28.23 -17.88 -12.09
N ARG A 113 29.27 -17.83 -12.91
CA ARG A 113 29.30 -17.25 -14.28
C ARG A 113 28.63 -18.25 -15.23
N VAL A 114 27.73 -17.75 -16.06
CA VAL A 114 27.13 -18.53 -17.17
C VAL A 114 27.38 -17.71 -18.44
N THR A 115 27.86 -18.35 -19.48
CA THR A 115 28.28 -17.67 -20.73
C THR A 115 27.73 -18.49 -21.88
N VAL A 116 26.77 -17.97 -22.65
CA VAL A 116 26.08 -18.79 -23.70
C VAL A 116 26.71 -18.54 -25.08
N GLN B 1 -27.33 18.12 -5.15
CA GLN B 1 -27.28 19.19 -4.04
C GLN B 1 -27.74 18.68 -2.66
N LEU B 2 -26.98 19.04 -1.64
CA LEU B 2 -27.15 18.60 -0.25
C LEU B 2 -27.34 19.85 0.56
N VAL B 3 -28.35 19.89 1.42
CA VAL B 3 -28.57 21.07 2.29
C VAL B 3 -28.74 20.55 3.72
N GLU B 4 -27.83 20.92 4.60
CA GLU B 4 -27.82 20.47 6.01
C GLU B 4 -28.73 21.38 6.85
N SER B 5 -29.26 20.84 7.93
CA SER B 5 -30.03 21.62 8.93
C SER B 5 -29.93 20.96 10.30
N GLY B 6 -30.38 21.67 11.33
CA GLY B 6 -30.61 21.15 12.68
C GLY B 6 -29.53 21.62 13.64
N GLY B 7 -28.63 22.50 13.18
CA GLY B 7 -27.49 23.02 13.95
C GLY B 7 -27.90 23.97 15.07
N GLY B 8 -27.00 24.84 15.52
CA GLY B 8 -27.29 25.96 16.45
C GLY B 8 -26.58 25.85 17.80
N LEU B 9 -27.27 26.33 18.84
CA LEU B 9 -26.80 26.44 20.25
C LEU B 9 -27.42 25.32 21.10
N VAL B 10 -26.59 24.56 21.79
CA VAL B 10 -27.07 23.54 22.75
C VAL B 10 -26.18 23.67 23.99
N GLN B 11 -26.66 23.20 25.14
CA GLN B 11 -25.88 23.29 26.39
C GLN B 11 -25.02 22.02 26.44
N ALA B 12 -23.82 22.13 27.01
CA ALA B 12 -22.98 20.98 27.41
C ALA B 12 -23.86 19.90 28.03
N GLY B 13 -23.80 18.67 27.52
CA GLY B 13 -24.56 17.54 28.04
C GLY B 13 -25.77 17.21 27.17
N GLY B 14 -26.20 18.13 26.31
CA GLY B 14 -27.43 17.96 25.51
C GLY B 14 -27.23 17.06 24.28
N SER B 15 -28.37 16.72 23.66
CA SER B 15 -28.48 15.93 22.41
C SER B 15 -28.89 16.84 21.25
N LEU B 16 -28.68 16.40 20.03
CA LEU B 16 -28.94 17.20 18.80
C LEU B 16 -28.83 16.25 17.61
N ARG B 17 -29.75 16.36 16.65
CA ARG B 17 -29.72 15.56 15.42
C ARG B 17 -29.54 16.51 14.25
N LEU B 18 -28.46 16.36 13.49
CA LEU B 18 -28.32 17.08 12.21
C LEU B 18 -28.98 16.24 11.13
N SER B 19 -29.45 16.94 10.10
CA SER B 19 -30.14 16.44 8.90
C SER B 19 -29.38 16.98 7.69
N CYS B 20 -29.33 16.17 6.66
CA CYS B 20 -28.92 16.62 5.32
C CYS B 20 -29.85 15.92 4.33
N VAL B 21 -30.46 16.72 3.45
CA VAL B 21 -31.39 16.21 2.41
C VAL B 21 -30.74 16.44 1.03
N GLY B 22 -30.81 15.43 0.17
CA GLY B 22 -30.42 15.57 -1.25
C GLY B 22 -31.60 15.91 -2.17
N THR B 23 -31.35 16.72 -3.19
CA THR B 23 -32.31 17.11 -4.27
C THR B 23 -32.47 15.97 -5.28
N GLY B 24 -31.41 15.20 -5.57
CA GLY B 24 -31.47 13.96 -6.36
C GLY B 24 -31.35 12.73 -5.46
N ASN B 25 -31.59 11.54 -6.02
CA ASN B 25 -31.55 10.26 -5.27
C ASN B 25 -30.11 9.99 -4.84
N ILE B 26 -29.92 9.67 -3.57
CA ILE B 26 -28.59 9.37 -2.98
C ILE B 26 -28.60 7.95 -2.41
N SER B 27 -29.61 7.14 -2.80
CA SER B 27 -29.84 5.78 -2.27
C SER B 27 -28.76 4.81 -2.71
N SER B 28 -28.06 5.07 -3.81
CA SER B 28 -26.93 4.26 -4.31
C SER B 28 -25.57 4.85 -3.90
N ALA B 29 -25.52 5.80 -2.96
CA ALA B 29 -24.24 6.37 -2.48
C ALA B 29 -23.22 5.24 -2.26
N TYR B 30 -21.99 5.48 -2.71
CA TYR B 30 -20.77 4.72 -2.34
C TYR B 30 -20.45 4.90 -0.86
N THR B 31 -20.44 6.14 -0.41
CA THR B 31 -20.23 6.53 1.01
C THR B 31 -21.04 7.78 1.36
N MET B 32 -21.33 7.92 2.65
CA MET B 32 -21.90 9.12 3.31
C MET B 32 -21.12 9.39 4.58
N ALA B 33 -20.83 10.66 4.84
CA ALA B 33 -20.03 11.05 6.02
C ALA B 33 -20.37 12.48 6.48
N TRP B 34 -20.16 12.71 7.75
CA TRP B 34 -20.14 14.04 8.39
C TRP B 34 -18.71 14.35 8.83
N TYR B 35 -18.33 15.60 8.57
CA TYR B 35 -17.03 16.20 8.92
C TYR B 35 -17.36 17.38 9.84
N ARG B 36 -16.41 17.85 10.65
CA ARG B 36 -16.57 19.10 11.41
C ARG B 36 -15.25 19.85 11.37
N GLN B 37 -15.34 21.19 11.35
CA GLN B 37 -14.17 22.08 11.52
C GLN B 37 -14.50 23.14 12.57
N ALA B 38 -13.76 23.14 13.70
CA ALA B 38 -13.73 24.24 14.68
C ALA B 38 -12.73 25.29 14.19
N ALA B 39 -12.98 26.58 14.50
CA ALA B 39 -12.22 27.76 14.01
C ALA B 39 -10.73 27.58 14.33
N GLY B 40 -9.85 27.80 13.35
CA GLY B 40 -8.39 27.56 13.47
C GLY B 40 -8.05 26.12 13.86
N LYS B 41 -8.70 25.15 13.22
CA LYS B 41 -8.46 23.71 13.49
C LYS B 41 -8.65 22.93 12.19
N GLU B 42 -8.03 21.78 12.09
CA GLU B 42 -8.11 20.98 10.84
C GLU B 42 -9.47 20.28 10.83
N ARG B 43 -10.13 20.31 9.69
CA ARG B 43 -11.32 19.47 9.47
C ARG B 43 -11.00 18.01 9.82
N GLU B 44 -11.95 17.31 10.42
CA GLU B 44 -11.83 15.88 10.76
C GLU B 44 -13.15 15.19 10.43
N VAL B 45 -13.06 13.96 9.97
CA VAL B 45 -14.24 13.11 9.72
C VAL B 45 -14.75 12.74 11.11
N VAL B 46 -16.05 12.82 11.30
CA VAL B 46 -16.74 12.54 12.59
C VAL B 46 -17.35 11.13 12.51
N ALA B 47 -18.02 10.83 11.41
CA ALA B 47 -18.85 9.63 11.28
C ALA B 47 -19.00 9.36 9.77
N GLY B 48 -18.78 8.12 9.35
CA GLY B 48 -18.89 7.75 7.94
C GLY B 48 -19.61 6.44 7.79
N ILE B 49 -20.49 6.36 6.80
CA ILE B 49 -20.98 5.05 6.30
C ILE B 49 -20.06 4.65 5.15
N LEU B 50 -19.22 3.66 5.40
CA LEU B 50 -18.28 3.12 4.40
C LEU B 50 -19.05 2.27 3.39
N ASN B 51 -18.39 1.98 2.27
CA ASN B 51 -18.99 1.12 1.24
C ASN B 51 -19.27 -0.24 1.87
N GLY B 52 -20.45 -0.81 1.60
CA GLY B 52 -20.99 -2.02 2.25
C GLY B 52 -21.75 -1.71 3.54
N GLY B 53 -21.73 -0.48 4.07
CA GLY B 53 -22.62 -0.09 5.18
C GLY B 53 -22.01 -0.25 6.57
N SER B 54 -20.75 -0.66 6.69
CA SER B 54 -19.93 -0.50 7.91
C SER B 54 -19.83 0.98 8.28
N THR B 55 -19.47 1.30 9.54
CA THR B 55 -19.31 2.69 10.01
C THR B 55 -17.90 2.91 10.56
N HIS B 56 -17.43 4.16 10.43
CA HIS B 56 -16.23 4.70 11.11
C HIS B 56 -16.65 5.94 11.90
N TYR B 57 -16.11 6.09 13.11
CA TYR B 57 -16.35 7.23 14.02
C TYR B 57 -14.99 7.76 14.46
N ALA B 58 -14.82 9.09 14.51
CA ALA B 58 -13.71 9.72 15.27
C ALA B 58 -13.71 9.12 16.69
N ASP B 59 -12.52 8.83 17.22
CA ASP B 59 -12.32 8.28 18.59
C ASP B 59 -13.09 9.15 19.59
N SER B 60 -13.05 10.48 19.44
CA SER B 60 -13.67 11.44 20.38
C SER B 60 -15.19 11.29 20.39
N VAL B 61 -15.84 10.66 19.41
CA VAL B 61 -17.33 10.68 19.40
C VAL B 61 -17.90 9.27 19.45
N LYS B 62 -17.05 8.25 19.50
CA LYS B 62 -17.47 6.83 19.57
C LYS B 62 -18.43 6.68 20.74
N GLY B 63 -19.60 6.10 20.52
CA GLY B 63 -20.55 5.79 21.60
C GLY B 63 -21.47 6.95 21.92
N ARG B 64 -21.18 8.14 21.39
CA ARG B 64 -21.95 9.39 21.62
C ARG B 64 -22.70 9.81 20.36
N PHE B 65 -22.18 9.52 19.16
CA PHE B 65 -22.72 9.95 17.85
C PHE B 65 -23.14 8.73 17.01
N THR B 66 -24.20 8.87 16.21
CA THR B 66 -24.60 7.85 15.21
C THR B 66 -24.90 8.50 13.87
N ILE B 67 -24.30 7.97 12.80
CA ILE B 67 -24.67 8.33 11.41
C ILE B 67 -25.73 7.33 10.93
N SER B 68 -26.81 7.84 10.36
CA SER B 68 -27.90 6.97 9.83
C SER B 68 -28.45 7.62 8.57
N ARG B 69 -29.36 6.95 7.90
CA ARG B 69 -29.99 7.51 6.68
C ARG B 69 -31.43 7.03 6.58
N ASP B 70 -32.25 7.81 5.87
CA ASP B 70 -33.59 7.39 5.44
C ASP B 70 -33.61 7.45 3.91
N ASN B 71 -33.54 6.29 3.25
CA ASN B 71 -33.62 6.14 1.77
C ASN B 71 -34.88 6.84 1.26
N ALA B 72 -36.07 6.55 1.80
CA ALA B 72 -37.37 7.14 1.38
C ALA B 72 -37.32 8.67 1.38
N LYS B 73 -36.70 9.30 2.38
CA LYS B 73 -36.67 10.78 2.54
C LYS B 73 -35.43 11.37 1.87
N ASN B 74 -34.52 10.55 1.35
CA ASN B 74 -33.29 11.06 0.70
C ASN B 74 -32.47 11.88 1.70
N THR B 75 -32.44 11.48 2.98
CA THR B 75 -31.78 12.26 4.06
C THR B 75 -30.71 11.43 4.78
N VAL B 76 -29.65 12.11 5.19
CA VAL B 76 -28.60 11.57 6.11
C VAL B 76 -28.72 12.29 7.44
N TYR B 77 -28.54 11.56 8.56
CA TYR B 77 -28.59 12.12 9.94
C TYR B 77 -27.26 11.92 10.68
N LEU B 78 -26.94 12.86 11.57
CA LEU B 78 -25.94 12.71 12.65
C LEU B 78 -26.64 12.94 13.99
N GLN B 79 -26.89 11.87 14.72
CA GLN B 79 -27.39 11.88 16.12
C GLN B 79 -26.18 12.17 17.01
N MET B 80 -26.21 13.28 17.75
CA MET B 80 -25.17 13.63 18.73
C MET B 80 -25.79 13.53 20.14
N ASN B 81 -25.01 13.01 21.10
CA ASN B 81 -25.41 12.93 22.54
C ASN B 81 -24.25 13.43 23.40
N SER B 82 -24.55 13.76 24.66
CA SER B 82 -23.55 14.15 25.69
C SER B 82 -22.61 15.16 25.06
N LEU B 83 -23.17 16.21 24.48
CA LEU B 83 -22.37 17.19 23.73
C LEU B 83 -21.43 17.91 24.69
N GLN B 84 -20.21 18.14 24.23
CA GLN B 84 -19.11 18.82 24.95
C GLN B 84 -18.74 20.06 24.15
N PRO B 85 -18.21 21.11 24.82
CA PRO B 85 -17.77 22.31 24.11
C PRO B 85 -16.80 21.97 22.97
N GLU B 86 -16.09 20.85 23.05
CA GLU B 86 -15.07 20.47 22.03
C GLU B 86 -15.77 19.99 20.74
N ASP B 87 -17.07 19.66 20.77
CA ASP B 87 -17.87 19.27 19.58
C ASP B 87 -18.32 20.50 18.79
N THR B 88 -17.98 21.69 19.25
CA THR B 88 -18.31 23.00 18.63
C THR B 88 -17.60 23.09 17.28
N GLY B 89 -18.32 23.44 16.22
CA GLY B 89 -17.74 23.75 14.91
C GLY B 89 -18.77 23.70 13.80
N VAL B 90 -18.33 23.90 12.56
CA VAL B 90 -19.20 23.74 11.37
C VAL B 90 -19.18 22.27 10.95
N TYR B 91 -20.36 21.65 10.93
CA TYR B 91 -20.57 20.29 10.42
C TYR B 91 -21.03 20.37 8.95
N CYS B 92 -20.53 19.47 8.13
CA CYS B 92 -20.95 19.34 6.71
C CYS B 92 -21.02 17.85 6.39
N CYS B 93 -21.98 17.54 5.53
CA CYS B 93 -22.29 16.19 5.03
C CYS B 93 -21.68 16.01 3.65
N HIS B 94 -21.31 14.78 3.32
CA HIS B 94 -20.45 14.38 2.17
C HIS B 94 -21.04 13.13 1.56
N VAL B 95 -21.46 13.16 0.31
CA VAL B 95 -22.08 11.96 -0.31
C VAL B 95 -21.32 11.72 -1.60
N VAL B 96 -20.96 10.45 -1.83
CA VAL B 96 -20.17 10.04 -3.01
C VAL B 96 -21.01 9.04 -3.80
N ILE B 97 -21.09 9.25 -5.11
CA ILE B 97 -21.96 8.48 -6.05
C ILE B 97 -21.12 8.05 -7.25
N GLU B 98 -21.11 6.76 -7.56
CA GLU B 98 -20.44 6.27 -8.79
C GLU B 98 -21.26 6.74 -10.02
N SER B 99 -20.69 7.49 -10.95
CA SER B 99 -21.29 7.80 -12.27
C SER B 99 -21.01 6.61 -13.21
N THR B 100 -19.85 6.59 -13.86
CA THR B 100 -19.42 5.43 -14.69
C THR B 100 -18.50 4.57 -13.82
N ARG B 101 -18.17 3.35 -14.26
CA ARG B 101 -17.42 2.38 -13.42
C ARG B 101 -16.10 3.04 -13.05
N PHE B 102 -15.73 2.97 -11.77
CA PHE B 102 -14.43 3.45 -11.22
C PHE B 102 -14.40 4.99 -11.10
N VAL B 103 -15.43 5.73 -11.54
CA VAL B 103 -15.47 7.22 -11.49
C VAL B 103 -16.57 7.64 -10.50
N TYR B 104 -16.21 8.51 -9.55
CA TYR B 104 -17.09 8.87 -8.40
C TYR B 104 -17.22 10.39 -8.30
N ASP B 105 -18.46 10.89 -8.26
CA ASP B 105 -18.75 12.33 -8.06
C ASP B 105 -18.98 12.58 -6.58
N HIS B 106 -18.49 13.70 -6.08
CA HIS B 106 -18.53 14.09 -4.66
C HIS B 106 -19.47 15.31 -4.50
N TYR B 107 -20.33 15.24 -3.47
CA TYR B 107 -21.35 16.25 -3.11
C TYR B 107 -21.08 16.63 -1.66
N TRP B 108 -21.02 17.93 -1.43
CA TRP B 108 -20.81 18.59 -0.12
C TRP B 108 -21.96 19.57 0.15
N GLY B 109 -22.53 19.55 1.35
CA GLY B 109 -23.46 20.59 1.82
C GLY B 109 -22.72 21.85 2.21
N GLN B 110 -23.48 22.88 2.58
CA GLN B 110 -23.00 24.25 2.87
C GLN B 110 -22.38 24.28 4.27
N GLY B 111 -22.73 23.32 5.11
CA GLY B 111 -22.29 23.26 6.51
C GLY B 111 -23.44 23.68 7.42
N THR B 112 -23.33 23.37 8.70
CA THR B 112 -24.28 23.83 9.73
C THR B 112 -23.47 24.00 11.02
N ARG B 113 -23.66 25.13 11.68
CA ARG B 113 -22.93 25.58 12.90
C ARG B 113 -23.56 24.90 14.13
N VAL B 114 -22.73 24.30 14.95
CA VAL B 114 -23.10 23.68 16.24
C VAL B 114 -22.21 24.36 17.27
N THR B 115 -22.83 24.86 18.34
CA THR B 115 -22.16 25.66 19.39
C THR B 115 -22.61 25.11 20.74
N VAL B 116 -21.66 24.59 21.50
CA VAL B 116 -21.88 23.99 22.85
C VAL B 116 -21.19 24.89 23.88
N SER B 117 -21.94 25.33 24.90
CA SER B 117 -21.45 26.14 26.05
C SER B 117 -21.41 25.25 27.29
N ASP C 1 -2.39 19.43 -10.99
CA ASP C 1 -1.87 20.08 -9.72
C ASP C 1 -2.93 20.06 -8.62
N SER C 2 -4.20 19.89 -8.98
CA SER C 2 -5.31 19.61 -8.03
C SER C 2 -5.44 18.10 -7.79
N TRP C 3 -4.79 17.28 -8.63
CA TRP C 3 -4.97 15.79 -8.61
C TRP C 3 -3.81 15.11 -7.88
N VAL C 4 -4.11 14.13 -7.06
CA VAL C 4 -3.07 13.28 -6.41
C VAL C 4 -3.44 11.83 -6.61
N THR C 5 -2.44 10.96 -6.53
CA THR C 5 -2.63 9.51 -6.48
C THR C 5 -2.33 9.07 -5.04
N VAL C 6 -3.30 8.46 -4.42
CA VAL C 6 -3.18 7.86 -3.08
C VAL C 6 -3.05 6.34 -3.26
N PHE C 7 -2.11 5.71 -2.58
CA PHE C 7 -1.82 4.29 -2.87
C PHE C 7 -1.37 3.59 -1.59
N GLY C 8 -1.48 2.26 -1.64
CA GLY C 8 -0.80 1.33 -0.72
C GLY C 8 -1.79 0.61 0.15
N PHE C 9 -3.08 0.65 -0.17
CA PHE C 9 -4.18 0.18 0.71
C PHE C 9 -4.84 -0.99 0.01
N PRO C 10 -5.40 -1.92 0.79
CA PRO C 10 -6.20 -3.00 0.25
C PRO C 10 -7.62 -2.54 -0.16
N GLN C 11 -8.22 -3.20 -1.14
CA GLN C 11 -9.53 -2.85 -1.75
C GLN C 11 -10.57 -2.64 -0.65
N ALA C 12 -10.58 -3.47 0.39
CA ALA C 12 -11.58 -3.46 1.48
C ALA C 12 -11.47 -2.14 2.25
N SER C 13 -10.34 -1.43 2.17
CA SER C 13 -10.07 -0.24 3.00
C SER C 13 -10.24 1.04 2.18
N ALA C 14 -10.59 0.92 0.90
CA ALA C 14 -10.61 2.06 -0.05
C ALA C 14 -11.48 3.20 0.50
N SER C 15 -12.70 2.88 0.87
CA SER C 15 -13.69 3.89 1.28
C SER C 15 -13.26 4.52 2.62
N TYR C 16 -12.56 3.76 3.49
CA TYR C 16 -12.01 4.31 4.78
C TYR C 16 -10.93 5.34 4.46
N ILE C 17 -10.12 5.04 3.45
CA ILE C 17 -8.99 5.92 3.04
C ILE C 17 -9.53 7.18 2.34
N LEU C 18 -10.54 7.06 1.47
CA LEU C 18 -11.20 8.24 0.83
C LEU C 18 -11.78 9.17 1.92
N LEU C 19 -12.48 8.67 2.93
CA LEU C 19 -13.02 9.59 3.98
C LEU C 19 -11.88 10.29 4.70
N GLN C 20 -10.71 9.64 4.90
CA GLN C 20 -9.52 10.26 5.55
C GLN C 20 -9.01 11.41 4.70
N PHE C 21 -8.95 11.20 3.38
CA PHE C 21 -8.42 12.21 2.43
C PHE C 21 -9.45 13.32 2.15
N ALA C 22 -10.75 13.06 2.36
CA ALA C 22 -11.85 14.05 2.19
C ALA C 22 -11.70 15.15 3.25
N GLN C 23 -11.13 14.82 4.40
CA GLN C 23 -10.79 15.81 5.44
C GLN C 23 -10.03 17.02 4.86
N TYR C 24 -9.11 16.82 3.91
CA TYR C 24 -8.11 17.85 3.52
C TYR C 24 -8.61 18.76 2.40
N GLY C 25 -9.89 18.68 2.01
CA GLY C 25 -10.44 19.51 0.92
C GLY C 25 -11.73 18.91 0.41
N ASN C 26 -12.57 19.70 -0.24
CA ASN C 26 -13.87 19.20 -0.73
C ASN C 26 -13.58 18.52 -2.07
N ILE C 27 -13.36 17.22 -2.04
CA ILE C 27 -12.97 16.42 -3.24
C ILE C 27 -14.09 16.59 -4.27
N LEU C 28 -13.74 16.89 -5.51
CA LEU C 28 -14.66 16.99 -6.68
C LEU C 28 -14.98 15.58 -7.17
N LYS C 29 -13.96 14.74 -7.30
CA LYS C 29 -14.13 13.42 -7.94
C LYS C 29 -12.96 12.50 -7.57
N HIS C 30 -13.20 11.20 -7.62
CA HIS C 30 -12.14 10.18 -7.44
C HIS C 30 -12.40 9.07 -8.44
N VAL C 31 -11.32 8.49 -8.89
CA VAL C 31 -11.28 7.37 -9.87
C VAL C 31 -10.52 6.23 -9.19
N MET C 32 -11.16 5.07 -9.05
CA MET C 32 -10.56 3.85 -8.47
C MET C 32 -10.05 2.91 -9.57
N SER C 33 -8.90 2.27 -9.34
CA SER C 33 -8.28 1.23 -10.19
C SER C 33 -9.09 -0.08 -10.17
N ASN C 34 -9.12 -0.81 -11.28
CA ASN C 34 -9.76 -2.16 -11.30
C ASN C 34 -9.00 -3.05 -10.30
N THR C 35 -7.73 -3.35 -10.54
CA THR C 35 -6.93 -4.28 -9.69
C THR C 35 -6.03 -3.52 -8.69
N GLY C 36 -5.49 -2.34 -9.06
CA GLY C 36 -4.39 -1.64 -8.34
C GLY C 36 -4.76 -1.28 -6.90
N ASN C 37 -3.77 -0.95 -6.09
CA ASN C 37 -3.94 -0.54 -4.69
C ASN C 37 -3.90 0.99 -4.62
N TRP C 38 -4.52 1.69 -5.57
CA TRP C 38 -4.40 3.16 -5.68
C TRP C 38 -5.72 3.82 -6.12
N MET C 39 -5.81 5.14 -5.95
CA MET C 39 -6.94 5.96 -6.45
C MET C 39 -6.40 7.37 -6.77
N HIS C 40 -7.02 8.01 -7.77
CA HIS C 40 -6.78 9.40 -8.22
C HIS C 40 -7.88 10.27 -7.58
N ILE C 41 -7.48 11.24 -6.78
CA ILE C 41 -8.38 12.21 -6.11
C ILE C 41 -8.14 13.58 -6.73
N ARG C 42 -9.21 14.20 -7.20
CA ARG C 42 -9.23 15.62 -7.64
C ARG C 42 -9.73 16.54 -6.52
N TYR C 43 -8.87 17.37 -5.97
CA TYR C 43 -9.25 18.44 -5.00
C TYR C 43 -9.68 19.70 -5.73
N GLN C 44 -10.13 20.68 -4.97
CA GLN C 44 -10.53 22.01 -5.51
C GLN C 44 -9.27 22.81 -5.84
N SER C 45 -8.17 22.59 -5.13
CA SER C 45 -7.00 23.50 -5.22
C SER C 45 -5.66 22.79 -5.00
N LYS C 46 -4.60 23.45 -5.47
CA LYS C 46 -3.19 23.07 -5.26
C LYS C 46 -2.93 22.90 -3.76
N LEU C 47 -3.39 23.86 -2.97
CA LEU C 47 -3.16 23.91 -1.51
C LEU C 47 -3.74 22.65 -0.86
N GLN C 48 -4.94 22.24 -1.28
CA GLN C 48 -5.59 21.00 -0.80
C GLN C 48 -4.73 19.79 -1.22
N ALA C 49 -4.39 19.67 -2.50
CA ALA C 49 -3.47 18.67 -3.07
C ALA C 49 -2.21 18.61 -2.18
N ARG C 50 -1.62 19.76 -1.86
CA ARG C 50 -0.35 19.86 -1.10
C ARG C 50 -0.55 19.24 0.28
N LYS C 51 -1.72 19.47 0.90
CA LYS C 51 -2.01 18.91 2.25
C LYS C 51 -2.15 17.38 2.17
N ALA C 52 -2.78 16.81 1.13
CA ALA C 52 -2.84 15.34 0.93
C ALA C 52 -1.39 14.79 0.72
N LEU C 53 -0.57 15.43 -0.11
CA LEU C 53 0.83 15.01 -0.40
C LEU C 53 1.68 14.94 0.89
N SER C 54 1.50 15.89 1.81
CA SER C 54 2.20 15.90 3.12
C SER C 54 1.91 14.63 3.91
N LYS C 55 0.96 13.80 3.48
CA LYS C 55 0.54 12.59 4.26
C LYS C 55 1.28 11.35 3.73
N ASP C 56 2.04 11.51 2.64
CA ASP C 56 2.93 10.48 2.07
C ASP C 56 3.74 9.80 3.19
N GLY C 57 3.56 8.49 3.36
CA GLY C 57 4.36 7.67 4.29
C GLY C 57 3.74 7.58 5.67
N ARG C 58 2.55 8.18 5.88
CA ARG C 58 1.86 8.16 7.20
C ARG C 58 0.99 6.91 7.28
N ILE C 59 0.66 6.54 8.51
CA ILE C 59 -0.15 5.35 8.85
C ILE C 59 -1.58 5.81 9.14
N PHE C 60 -2.55 5.18 8.50
CA PHE C 60 -4.00 5.41 8.70
C PHE C 60 -4.56 4.10 9.23
N GLY C 61 -5.56 4.21 10.10
CA GLY C 61 -6.33 3.08 10.66
C GLY C 61 -5.43 2.08 11.37
N GLU C 62 -4.34 2.57 11.99
CA GLU C 62 -3.40 1.84 12.90
C GLU C 62 -2.37 0.99 12.10
N SER C 63 -2.70 0.54 10.89
CA SER C 63 -1.96 -0.54 10.19
C SER C 63 -1.85 -0.28 8.67
N ILE C 64 -2.33 0.84 8.15
CA ILE C 64 -2.24 1.11 6.69
C ILE C 64 -1.37 2.36 6.50
N MET C 65 -0.13 2.11 6.10
CA MET C 65 0.82 3.10 5.62
C MET C 65 0.45 3.41 4.17
N ILE C 66 0.45 4.70 3.86
CA ILE C 66 -0.19 5.31 2.66
C ILE C 66 0.84 6.15 1.91
N GLY C 67 0.87 5.92 0.60
CA GLY C 67 1.66 6.71 -0.36
C GLY C 67 0.76 7.72 -1.03
N VAL C 68 1.29 8.90 -1.26
CA VAL C 68 0.58 10.00 -1.96
C VAL C 68 1.62 10.64 -2.86
N LYS C 69 1.31 10.82 -4.14
CA LYS C 69 2.23 11.47 -5.11
C LYS C 69 1.40 12.27 -6.11
N PRO C 70 2.03 13.21 -6.86
CA PRO C 70 1.31 13.97 -7.89
C PRO C 70 0.72 13.00 -8.91
N CYS C 71 -0.53 13.19 -9.28
CA CYS C 71 -1.22 12.29 -10.24
C CYS C 71 -0.56 12.46 -11.62
N ILE C 72 -0.15 11.37 -12.26
CA ILE C 72 0.50 11.45 -13.61
C ILE C 72 -0.37 10.78 -14.65
N ASP C 73 -1.51 10.18 -14.28
CA ASP C 73 -2.39 9.45 -15.23
C ASP C 73 -3.16 10.49 -16.08
N LYS C 74 -2.73 10.69 -17.34
CA LYS C 74 -3.18 11.79 -18.25
C LYS C 74 -4.65 11.62 -18.68
N SER C 75 -5.09 10.41 -19.02
CA SER C 75 -6.51 10.14 -19.39
C SER C 75 -7.40 10.74 -18.29
N VAL C 76 -7.19 10.30 -17.05
CA VAL C 76 -7.73 10.92 -15.81
C VAL C 76 -7.09 12.30 -15.65
N ASP D 1 20.68 4.63 7.38
CA ASP D 1 20.93 5.13 5.98
C ASP D 1 21.12 3.95 5.02
N SER D 2 21.41 2.77 5.55
CA SER D 2 21.32 1.50 4.77
C SER D 2 19.91 0.94 4.88
N TRP D 3 19.09 1.50 5.76
CA TRP D 3 17.74 0.97 6.08
C TRP D 3 16.65 1.76 5.34
N VAL D 4 15.67 1.06 4.78
CA VAL D 4 14.48 1.68 4.13
C VAL D 4 13.21 0.98 4.64
N THR D 5 12.09 1.69 4.54
CA THR D 5 10.74 1.13 4.77
C THR D 5 10.04 1.07 3.41
N VAL D 6 9.72 -0.15 3.01
CA VAL D 6 8.91 -0.47 1.82
C VAL D 6 7.47 -0.71 2.30
N PHE D 7 6.49 -0.14 1.63
CA PHE D 7 5.10 -0.23 2.14
C PHE D 7 4.12 -0.22 0.96
N GLY D 8 2.93 -0.66 1.31
CA GLY D 8 1.73 -0.47 0.47
C GLY D 8 1.25 -1.78 -0.11
N PHE D 9 1.79 -2.91 0.31
CA PHE D 9 1.52 -4.23 -0.31
C PHE D 9 0.64 -5.02 0.64
N PRO D 10 -0.24 -5.92 0.16
CA PRO D 10 -0.91 -6.89 1.03
C PRO D 10 -0.01 -8.04 1.55
N GLN D 11 -0.39 -8.64 2.68
CA GLN D 11 0.44 -9.67 3.38
C GLN D 11 0.79 -10.78 2.37
N ALA D 12 -0.14 -11.10 1.46
CA ALA D 12 -0.02 -12.22 0.50
C ALA D 12 1.15 -11.95 -0.47
N SER D 13 1.61 -10.71 -0.62
CA SER D 13 2.56 -10.27 -1.66
C SER D 13 3.93 -9.96 -1.07
N ALA D 14 4.07 -10.10 0.25
CA ALA D 14 5.24 -9.56 0.98
C ALA D 14 6.50 -10.17 0.38
N SER D 15 6.46 -11.47 0.19
CA SER D 15 7.66 -12.22 -0.21
C SER D 15 7.95 -11.91 -1.69
N TYR D 16 6.91 -11.64 -2.52
CA TYR D 16 7.07 -11.21 -3.94
C TYR D 16 7.80 -9.86 -3.92
N ILE D 17 7.41 -8.95 -3.02
CA ILE D 17 7.95 -7.55 -2.99
C ILE D 17 9.40 -7.58 -2.48
N LEU D 18 9.70 -8.44 -1.51
CA LEU D 18 11.09 -8.65 -1.01
C LEU D 18 12.02 -9.11 -2.15
N LEU D 19 11.65 -10.11 -2.95
CA LEU D 19 12.51 -10.56 -4.07
C LEU D 19 12.71 -9.39 -5.01
N GLN D 20 11.68 -8.56 -5.24
CA GLN D 20 11.86 -7.38 -6.12
C GLN D 20 12.88 -6.45 -5.50
N PHE D 21 12.81 -6.21 -4.19
CA PHE D 21 13.75 -5.25 -3.54
C PHE D 21 15.16 -5.84 -3.35
N ALA D 22 15.28 -7.18 -3.32
CA ALA D 22 16.55 -7.91 -3.19
C ALA D 22 17.40 -7.68 -4.45
N GLN D 23 16.77 -7.31 -5.56
CA GLN D 23 17.48 -6.98 -6.82
C GLN D 23 18.50 -5.85 -6.61
N TYR D 24 18.23 -4.88 -5.72
CA TYR D 24 18.93 -3.57 -5.70
C TYR D 24 20.14 -3.59 -4.75
N GLY D 25 20.44 -4.74 -4.15
CA GLY D 25 21.52 -4.90 -3.15
C GLY D 25 21.37 -6.23 -2.43
N ASN D 26 22.49 -6.71 -1.88
CA ASN D 26 22.49 -7.93 -1.03
C ASN D 26 21.91 -7.55 0.34
N ILE D 27 20.59 -7.58 0.46
CA ILE D 27 19.89 -7.34 1.76
C ILE D 27 20.56 -8.17 2.86
N LEU D 28 20.94 -7.54 3.97
CA LEU D 28 21.44 -8.22 5.21
C LEU D 28 20.26 -8.78 5.99
N LYS D 29 19.20 -7.99 6.13
CA LYS D 29 18.13 -8.28 7.11
C LYS D 29 16.85 -7.55 6.69
N HIS D 30 15.72 -8.14 7.04
CA HIS D 30 14.41 -7.46 6.90
C HIS D 30 13.54 -7.84 8.09
N VAL D 31 12.68 -6.90 8.50
CA VAL D 31 11.76 -7.04 9.66
C VAL D 31 10.36 -6.76 9.16
N MET D 32 9.46 -7.71 9.32
CA MET D 32 8.07 -7.56 8.84
C MET D 32 7.15 -7.16 10.01
N SER D 33 6.23 -6.23 9.76
CA SER D 33 5.16 -5.81 10.70
C SER D 33 4.25 -7.01 11.03
N ASN D 34 3.61 -6.97 12.20
CA ASN D 34 2.51 -7.91 12.55
C ASN D 34 1.29 -7.65 11.64
N THR D 35 0.70 -6.46 11.77
CA THR D 35 -0.56 -6.06 11.08
C THR D 35 -0.25 -5.32 9.78
N GLY D 36 0.73 -4.41 9.82
CA GLY D 36 0.90 -3.30 8.87
C GLY D 36 1.17 -3.76 7.46
N ASN D 37 1.14 -2.86 6.50
CA ASN D 37 1.40 -3.17 5.09
C ASN D 37 2.83 -2.73 4.77
N TRP D 38 3.79 -3.01 5.64
CA TRP D 38 5.16 -2.48 5.48
C TRP D 38 6.20 -3.46 6.00
N MET D 39 7.44 -3.27 5.55
CA MET D 39 8.65 -3.99 6.04
C MET D 39 9.83 -3.01 5.99
N HIS D 40 10.82 -3.28 6.86
CA HIS D 40 12.07 -2.50 6.98
C HIS D 40 13.19 -3.37 6.41
N ILE D 41 13.93 -2.84 5.46
CA ILE D 41 14.99 -3.59 4.73
C ILE D 41 16.33 -2.92 5.03
N ARG D 42 17.29 -3.73 5.45
CA ARG D 42 18.67 -3.27 5.66
C ARG D 42 19.53 -3.73 4.49
N TYR D 43 19.99 -2.79 3.67
CA TYR D 43 20.96 -3.07 2.59
C TYR D 43 22.38 -2.96 3.14
N GLN D 44 23.35 -3.25 2.29
CA GLN D 44 24.80 -3.18 2.63
C GLN D 44 25.27 -1.72 2.64
N SER D 45 24.72 -0.86 1.77
CA SER D 45 25.20 0.53 1.57
C SER D 45 24.05 1.53 1.35
N LYS D 46 24.34 2.78 1.67
CA LYS D 46 23.58 3.99 1.29
C LYS D 46 23.23 3.91 -0.20
N LEU D 47 24.19 3.60 -1.07
CA LEU D 47 24.00 3.55 -2.54
C LEU D 47 22.88 2.55 -2.86
N GLN D 48 22.85 1.39 -2.21
CA GLN D 48 21.81 0.36 -2.48
C GLN D 48 20.45 0.91 -2.00
N ALA D 49 20.39 1.35 -0.75
CA ALA D 49 19.22 2.04 -0.14
C ALA D 49 18.70 3.11 -1.11
N ARG D 50 19.59 3.93 -1.71
CA ARG D 50 19.20 5.02 -2.64
C ARG D 50 18.50 4.41 -3.86
N LYS D 51 18.99 3.28 -4.38
CA LYS D 51 18.35 2.62 -5.55
C LYS D 51 16.92 2.16 -5.15
N ALA D 52 16.73 1.61 -3.95
CA ALA D 52 15.41 1.23 -3.40
C ALA D 52 14.53 2.50 -3.27
N LEU D 53 15.07 3.61 -2.74
CA LEU D 53 14.28 4.84 -2.52
C LEU D 53 13.76 5.38 -3.86
N SER D 54 14.49 5.23 -4.95
CA SER D 54 14.12 5.76 -6.29
C SER D 54 12.90 5.02 -6.86
N LYS D 55 12.45 3.95 -6.22
CA LYS D 55 11.32 3.10 -6.70
C LYS D 55 10.01 3.51 -6.03
N ASP D 56 10.06 4.47 -5.12
CA ASP D 56 8.90 5.10 -4.45
C ASP D 56 7.90 5.52 -5.53
N GLY D 57 6.69 4.95 -5.50
CA GLY D 57 5.57 5.34 -6.35
C GLY D 57 5.47 4.47 -7.58
N ARG D 58 6.37 3.51 -7.74
CA ARG D 58 6.42 2.60 -8.92
C ARG D 58 5.49 1.40 -8.67
N ILE D 59 5.02 0.83 -9.76
CA ILE D 59 4.06 -0.32 -9.73
C ILE D 59 4.88 -1.59 -9.90
N PHE D 60 4.60 -2.58 -9.06
CA PHE D 60 5.24 -3.91 -9.11
C PHE D 60 4.11 -4.91 -9.33
N GLY D 61 4.42 -6.02 -10.02
CA GLY D 61 3.50 -7.15 -10.22
C GLY D 61 2.20 -6.71 -10.88
N GLU D 62 2.28 -5.73 -11.78
CA GLU D 62 1.17 -5.22 -12.64
C GLU D 62 0.23 -4.33 -11.81
N SER D 63 0.01 -4.59 -10.51
CA SER D 63 -1.11 -3.98 -9.74
C SER D 63 -0.71 -3.51 -8.34
N ILE D 64 0.57 -3.50 -7.95
CA ILE D 64 0.92 -3.06 -6.57
C ILE D 64 1.84 -1.84 -6.68
N MET D 65 1.27 -0.66 -6.45
CA MET D 65 2.05 0.58 -6.34
C MET D 65 2.69 0.55 -4.95
N ILE D 66 3.98 0.87 -4.87
CA ILE D 66 4.85 0.64 -3.69
C ILE D 66 5.43 1.97 -3.26
N GLY D 67 5.40 2.21 -1.96
CA GLY D 67 6.07 3.33 -1.30
C GLY D 67 7.38 2.87 -0.69
N VAL D 68 8.38 3.72 -0.71
CA VAL D 68 9.73 3.46 -0.11
C VAL D 68 10.15 4.79 0.54
N LYS D 69 10.51 4.79 1.80
CA LYS D 69 10.99 6.00 2.50
C LYS D 69 12.13 5.62 3.42
N PRO D 70 12.96 6.59 3.89
CA PRO D 70 14.03 6.32 4.84
C PRO D 70 13.40 5.71 6.09
N CYS D 71 14.03 4.69 6.66
CA CYS D 71 13.52 4.00 7.86
C CYS D 71 13.71 4.93 9.05
N ILE D 72 12.65 5.13 9.84
CA ILE D 72 12.62 6.00 11.06
C ILE D 72 12.24 5.16 12.29
N ASP D 73 12.21 3.84 12.19
CA ASP D 73 11.92 2.96 13.35
C ASP D 73 13.25 2.71 14.08
N LYS D 74 13.54 3.51 15.12
CA LYS D 74 14.83 3.56 15.88
C LYS D 74 15.15 2.20 16.51
N SER D 75 14.30 1.80 17.45
CA SER D 75 13.88 0.43 17.79
C SER D 75 14.48 -0.61 16.83
N VAL D 76 14.34 -0.42 15.52
CA VAL D 76 14.92 -1.26 14.43
C VAL D 76 16.04 -0.46 13.73
#